data_1QIY
#
_entry.id   1QIY
#
_cell.length_a   61.100
_cell.length_b   62.080
_cell.length_c   48.350
_cell.angle_alpha   90.00
_cell.angle_beta   109.87
_cell.angle_gamma   90.00
#
_symmetry.space_group_name_H-M   'P 1 21 1'
#
loop_
_entity.id
_entity.type
_entity.pdbx_description
1 polymer 'INSULIN A CHAIN'
2 polymer 'INSULIN B CHAIN'
3 non-polymer PHENOL
4 non-polymer 'ZINC ION'
5 non-polymer 'CHLORIDE ION'
6 water water
#
loop_
_entity_poly.entity_id
_entity_poly.type
_entity_poly.pdbx_seq_one_letter_code
_entity_poly.pdbx_strand_id
1 'polypeptide(L)' GIVEQCCTSICSLYQLENYCN A,C,E,G,I,K
2 'polypeptide(L)' FVNQYLCGSHLVEALYLVCGERGFFYTPKT B,D,F,H,J,L
#
loop_
_chem_comp.id
_chem_comp.type
_chem_comp.name
_chem_comp.formula
CL non-polymer 'CHLORIDE ION' 'Cl -1'
IPH non-polymer PHENOL 'C6 H6 O'
ZN non-polymer 'ZINC ION' 'Zn 2'
#
# COMPACT_ATOMS: atom_id res chain seq x y z
N GLY A 1 -22.18 -5.09 8.45
CA GLY A 1 -20.91 -4.42 8.78
C GLY A 1 -20.39 -3.46 7.71
N ILE A 2 -19.14 -3.04 7.94
CA ILE A 2 -18.44 -2.12 7.04
C ILE A 2 -18.13 -2.80 5.72
N VAL A 3 -17.84 -4.09 5.69
CA VAL A 3 -17.56 -4.80 4.46
C VAL A 3 -18.83 -4.90 3.62
N GLU A 4 -19.91 -5.32 4.26
CA GLU A 4 -21.11 -5.47 3.45
C GLU A 4 -21.60 -4.13 2.92
N GLN A 5 -21.44 -3.05 3.66
CA GLN A 5 -21.73 -1.69 3.28
C GLN A 5 -20.73 -0.88 2.48
N CYS A 6 -19.43 -1.00 2.74
CA CYS A 6 -18.43 -0.23 2.00
C CYS A 6 -17.70 -1.03 0.93
N CYS A 7 -18.00 -2.32 0.77
CA CYS A 7 -17.38 -3.13 -0.28
C CYS A 7 -18.38 -3.43 -1.38
N THR A 8 -19.66 -3.08 -1.22
CA THR A 8 -20.67 -3.24 -2.27
C THR A 8 -20.89 -1.85 -2.88
N SER A 9 -20.49 -0.80 -2.19
CA SER A 9 -20.61 0.57 -2.71
C SER A 9 -19.57 1.44 -1.99
N ILE A 10 -19.13 2.50 -2.64
CA ILE A 10 -18.14 3.43 -2.16
C ILE A 10 -18.59 4.29 -1.00
N CYS A 11 -18.13 3.96 0.21
CA CYS A 11 -18.47 4.78 1.35
C CYS A 11 -17.63 6.06 1.28
N SER A 12 -18.26 7.17 1.65
CA SER A 12 -17.50 8.42 1.62
C SER A 12 -16.87 8.56 3.00
N LEU A 13 -16.03 9.57 3.12
CA LEU A 13 -15.33 9.89 4.36
C LEU A 13 -16.30 10.10 5.51
N TYR A 14 -17.40 10.83 5.27
CA TYR A 14 -18.42 10.95 6.28
C TYR A 14 -18.93 9.58 6.65
N GLN A 15 -19.17 8.67 5.69
CA GLN A 15 -19.62 7.34 6.11
C GLN A 15 -18.56 6.57 6.89
N LEU A 16 -17.27 6.74 6.58
CA LEU A 16 -16.20 6.04 7.29
C LEU A 16 -15.94 6.60 8.67
N GLU A 17 -16.16 7.90 8.86
CA GLU A 17 -15.95 8.58 10.15
C GLU A 17 -16.73 7.98 11.30
N ASN A 18 -17.76 7.21 11.06
CA ASN A 18 -18.67 6.45 11.85
C ASN A 18 -18.02 5.22 12.47
N TYR A 19 -16.85 4.79 11.99
CA TYR A 19 -16.25 3.61 12.62
C TYR A 19 -15.06 3.99 13.47
N CYS A 20 -14.86 5.28 13.71
CA CYS A 20 -13.80 5.86 14.48
C CYS A 20 -14.19 5.85 15.96
N ASN A 21 -13.52 5.16 16.88
CA ASN A 21 -13.95 5.23 18.28
C ASN A 21 -13.61 6.60 18.86
N PHE B 1 -13.47 -15.56 0.56
CA PHE B 1 -13.52 -14.80 -0.74
C PHE B 1 -12.36 -13.81 -0.74
N VAL B 2 -11.57 -13.79 -1.80
CA VAL B 2 -10.41 -12.90 -1.90
C VAL B 2 -10.86 -11.49 -2.17
N ASN B 3 -11.88 -11.35 -3.01
CA ASN B 3 -12.41 -10.03 -3.33
C ASN B 3 -12.71 -9.27 -2.04
N GLN B 4 -13.44 -9.76 -1.04
CA GLN B 4 -13.70 -9.00 0.17
C GLN B 4 -12.47 -8.82 1.09
N TYR B 5 -11.58 -9.78 1.02
CA TYR B 5 -10.31 -9.75 1.65
C TYR B 5 -9.47 -8.58 1.14
N LEU B 6 -9.31 -8.37 -0.15
CA LEU B 6 -8.51 -7.25 -0.63
C LEU B 6 -9.19 -5.92 -0.35
N CYS B 7 -10.53 -5.85 -0.47
CA CYS B 7 -11.30 -4.66 -0.17
C CYS B 7 -11.09 -4.21 1.28
N GLY B 8 -11.08 -5.14 2.24
CA GLY B 8 -10.86 -4.81 3.66
C GLY B 8 -9.53 -4.12 3.92
N SER B 9 -8.50 -4.60 3.20
CA SER B 9 -7.16 -4.02 3.45
C SER B 9 -7.18 -2.59 2.94
N HIS B 10 -8.00 -2.23 1.96
CA HIS B 10 -8.08 -0.83 1.54
C HIS B 10 -8.93 -0.10 2.59
N LEU B 11 -9.95 -0.72 3.18
CA LEU B 11 -10.76 -0.09 4.20
C LEU B 11 -9.95 0.30 5.43
N VAL B 12 -9.04 -0.54 5.91
CA VAL B 12 -8.25 -0.23 7.10
C VAL B 12 -7.28 0.88 6.81
N GLU B 13 -6.78 1.04 5.59
CA GLU B 13 -5.88 2.18 5.32
C GLU B 13 -6.71 3.46 5.30
N ALA B 14 -7.94 3.41 4.75
CA ALA B 14 -8.86 4.55 4.78
C ALA B 14 -9.24 4.90 6.20
N LEU B 15 -9.54 3.96 7.10
CA LEU B 15 -9.88 4.26 8.48
C LEU B 15 -8.72 4.93 9.21
N TYR B 16 -7.51 4.39 8.97
CA TYR B 16 -6.33 5.02 9.54
C TYR B 16 -6.22 6.51 9.22
N LEU B 17 -6.40 6.89 7.95
CA LEU B 17 -6.31 8.25 7.50
C LEU B 17 -7.49 9.10 7.98
N VAL B 18 -8.71 8.58 8.05
CA VAL B 18 -9.82 9.43 8.45
C VAL B 18 -9.96 9.52 9.96
N CYS B 19 -9.73 8.45 10.70
CA CYS B 19 -9.90 8.54 12.14
C CYS B 19 -8.81 9.30 12.88
N GLY B 20 -7.60 9.33 12.36
CA GLY B 20 -6.47 10.05 12.91
C GLY B 20 -6.20 9.66 14.33
N GLU B 21 -6.11 10.69 15.17
CA GLU B 21 -5.84 10.53 16.60
C GLU B 21 -6.78 9.61 17.32
N ARG B 22 -8.07 9.58 16.98
CA ARG B 22 -9.21 8.88 17.59
C ARG B 22 -9.03 7.36 17.49
N GLY B 23 -8.34 6.96 16.41
CA GLY B 23 -8.16 5.53 16.16
C GLY B 23 -9.47 4.89 15.72
N PHE B 24 -9.39 3.58 15.45
CA PHE B 24 -10.59 2.86 15.08
C PHE B 24 -10.55 1.42 15.60
N PHE B 25 -11.66 0.75 15.28
CA PHE B 25 -11.81 -0.66 15.59
C PHE B 25 -12.11 -1.43 14.31
N TYR B 26 -11.47 -2.57 14.07
CA TYR B 26 -11.82 -3.26 12.82
C TYR B 26 -12.33 -4.65 13.14
N THR B 27 -13.65 -4.79 13.18
CA THR B 27 -14.34 -6.06 13.45
C THR B 27 -15.08 -6.46 12.17
N PRO B 28 -14.46 -7.31 11.37
CA PRO B 28 -14.99 -7.76 10.10
C PRO B 28 -16.23 -8.61 10.21
N LYS B 29 -16.25 -9.38 11.30
CA LYS B 29 -17.29 -10.37 11.62
C LYS B 29 -18.51 -9.71 12.30
N THR B 30 -19.26 -9.02 11.44
CA THR B 30 -20.49 -8.35 11.79
C THR B 30 -21.51 -8.64 10.68
N GLY C 1 2.70 1.79 23.95
CA GLY C 1 1.65 1.11 23.10
C GLY C 1 2.26 0.55 21.82
N ILE C 2 1.42 0.13 20.88
CA ILE C 2 1.95 -0.45 19.63
C ILE C 2 2.97 0.45 18.92
N VAL C 3 2.73 1.73 18.80
CA VAL C 3 3.64 2.67 18.15
C VAL C 3 5.03 2.71 18.81
N GLU C 4 5.08 2.75 20.15
CA GLU C 4 6.47 2.81 20.59
C GLU C 4 7.07 1.41 20.76
N GLN C 5 6.31 0.31 20.82
CA GLN C 5 7.00 -0.97 20.74
C GLN C 5 7.46 -1.25 19.30
N CYS C 6 6.48 -1.21 18.39
CA CYS C 6 6.73 -1.54 16.99
C CYS C 6 7.21 -0.48 16.04
N CYS C 7 7.37 0.81 16.37
CA CYS C 7 7.90 1.75 15.36
C CYS C 7 9.33 2.14 15.73
N THR C 8 9.75 1.59 16.88
CA THR C 8 11.08 1.83 17.38
C THR C 8 12.02 0.66 17.09
N SER C 9 11.44 -0.54 17.06
CA SER C 9 12.15 -1.78 16.81
C SER C 9 11.16 -2.64 16.03
N ILE C 10 11.55 -3.60 15.23
CA ILE C 10 10.61 -4.40 14.47
C ILE C 10 9.93 -5.51 15.26
N CYS C 11 8.61 -5.54 15.28
CA CYS C 11 7.88 -6.59 15.97
C CYS C 11 7.69 -7.78 15.05
N SER C 12 7.85 -9.00 15.55
CA SER C 12 7.66 -10.16 14.67
C SER C 12 6.16 -10.37 14.51
N LEU C 13 5.64 -11.33 13.78
CA LEU C 13 4.20 -11.52 13.64
C LEU C 13 3.50 -11.98 14.94
N TYR C 14 4.29 -12.70 15.72
CA TYR C 14 3.90 -13.23 17.02
C TYR C 14 3.68 -12.09 18.00
N GLN C 15 4.58 -11.13 18.06
CA GLN C 15 4.41 -9.94 18.87
C GLN C 15 3.24 -9.06 18.43
N LEU C 16 2.99 -9.07 17.10
CA LEU C 16 1.89 -8.27 16.52
C LEU C 16 0.54 -8.87 16.90
N GLU C 17 0.52 -10.20 17.01
CA GLU C 17 -0.66 -10.98 17.40
C GLU C 17 -1.18 -10.58 18.76
N ASN C 18 -0.31 -10.04 19.64
CA ASN C 18 -0.78 -9.49 20.89
C ASN C 18 -1.81 -8.39 20.73
N TYR C 19 -1.97 -7.69 19.60
CA TYR C 19 -2.99 -6.65 19.48
C TYR C 19 -4.24 -7.10 18.77
N CYS C 20 -4.36 -8.36 18.37
CA CYS C 20 -5.57 -8.84 17.73
C CYS C 20 -6.69 -8.86 18.77
N ASN C 21 -7.94 -8.85 18.35
CA ASN C 21 -9.08 -8.93 19.25
C ASN C 21 -9.37 -10.40 19.54
N PHE D 1 3.51 11.61 14.62
CA PHE D 1 4.60 12.52 14.06
C PHE D 1 4.96 11.85 12.73
N VAL D 2 5.46 12.50 11.70
CA VAL D 2 5.69 11.90 10.41
C VAL D 2 6.28 10.51 10.34
N ASN D 3 7.55 10.35 10.71
CA ASN D 3 8.12 9.02 10.62
C ASN D 3 7.27 7.99 11.40
N GLN D 4 6.75 8.34 12.56
CA GLN D 4 5.89 7.40 13.28
C GLN D 4 4.51 7.27 12.63
N TYR D 5 4.05 8.32 11.98
CA TYR D 5 2.74 8.31 11.33
C TYR D 5 2.79 7.40 10.11
N LEU D 6 3.87 7.43 9.37
CA LEU D 6 4.10 6.53 8.22
C LEU D 6 4.26 5.07 8.65
N CYS D 7 4.95 4.81 9.75
CA CYS D 7 5.12 3.48 10.34
C CYS D 7 3.77 2.92 10.80
N GLY D 8 2.89 3.79 11.34
CA GLY D 8 1.55 3.39 11.74
C GLY D 8 0.71 2.79 10.63
N SER D 9 0.84 3.31 9.44
CA SER D 9 0.24 2.93 8.19
C SER D 9 0.65 1.50 7.84
N HIS D 10 1.94 1.17 8.00
CA HIS D 10 2.40 -0.19 7.80
C HIS D 10 1.91 -1.07 8.95
N LEU D 11 1.95 -0.60 10.20
CA LEU D 11 1.47 -1.40 11.32
C LEU D 11 0.05 -1.94 11.15
N VAL D 12 -0.86 -1.12 10.67
CA VAL D 12 -2.29 -1.48 10.52
C VAL D 12 -2.48 -2.47 9.41
N GLU D 13 -1.66 -2.48 8.36
CA GLU D 13 -1.69 -3.46 7.30
C GLU D 13 -1.15 -4.80 7.83
N ALA D 14 -0.10 -4.79 8.68
CA ALA D 14 0.44 -6.04 9.22
C ALA D 14 -0.60 -6.66 10.14
N LEU D 15 -1.43 -5.88 10.82
CA LEU D 15 -2.44 -6.36 11.75
C LEU D 15 -3.61 -7.06 11.11
N TYR D 16 -4.09 -6.45 10.02
CA TYR D 16 -5.17 -6.95 9.18
C TYR D 16 -4.76 -8.35 8.74
N LEU D 17 -3.54 -8.49 8.21
CA LEU D 17 -3.03 -9.78 7.79
C LEU D 17 -2.90 -10.74 8.98
N VAL D 18 -2.17 -10.40 10.01
CA VAL D 18 -1.98 -11.28 11.16
C VAL D 18 -3.26 -11.67 11.88
N CYS D 19 -4.11 -10.76 12.31
CA CYS D 19 -5.35 -10.97 13.00
C CYS D 19 -6.49 -11.56 12.16
N GLY D 20 -6.60 -11.54 10.81
CA GLY D 20 -7.73 -12.20 10.22
C GLY D 20 -9.09 -11.84 10.75
N GLU D 21 -9.93 -12.85 10.98
CA GLU D 21 -11.31 -12.68 11.40
C GLU D 21 -11.50 -12.17 12.82
N ARG D 22 -10.45 -12.26 13.64
CA ARG D 22 -10.58 -11.71 14.99
C ARG D 22 -10.77 -10.21 14.93
N GLY D 23 -10.06 -9.53 14.03
CA GLY D 23 -10.17 -8.06 13.98
C GLY D 23 -9.09 -7.53 14.95
N PHE D 24 -9.08 -6.22 15.16
CA PHE D 24 -8.12 -5.58 16.02
C PHE D 24 -8.66 -4.19 16.28
N PHE D 25 -8.03 -3.50 17.18
CA PHE D 25 -8.31 -2.15 17.63
C PHE D 25 -7.04 -1.36 17.40
N TYR D 26 -7.11 -0.17 16.85
CA TYR D 26 -5.86 0.57 16.68
C TYR D 26 -6.12 1.84 17.48
N THR D 27 -5.37 1.99 18.57
CA THR D 27 -5.58 3.19 19.40
C THR D 27 -4.16 3.70 19.62
N PRO D 28 -3.72 4.59 18.75
CA PRO D 28 -2.36 5.13 18.88
C PRO D 28 -2.20 5.67 20.30
N LYS D 29 -3.17 6.07 21.14
CA LYS D 29 -2.97 6.56 22.51
C LYS D 29 -4.26 6.92 23.26
N THR D 30 -4.82 5.86 23.81
CA THR D 30 -5.93 5.92 24.76
C THR D 30 -5.56 5.07 25.97
N GLY E 1 -10.59 7.30 -20.31
CA GLY E 1 -9.66 7.82 -19.27
C GLY E 1 -8.66 6.74 -18.81
N ILE E 2 -7.99 7.07 -17.70
CA ILE E 2 -6.96 6.17 -17.16
C ILE E 2 -7.62 4.93 -16.58
N VAL E 3 -8.73 5.08 -15.87
CA VAL E 3 -9.41 3.92 -15.31
C VAL E 3 -9.97 2.98 -16.36
N GLU E 4 -10.61 3.47 -17.41
CA GLU E 4 -11.16 2.61 -18.44
C GLU E 4 -10.09 1.92 -19.26
N GLN E 5 -8.96 2.55 -19.50
CA GLN E 5 -7.85 1.98 -20.25
C GLN E 5 -7.02 1.07 -19.35
N CYS E 6 -6.77 1.41 -18.08
CA CYS E 6 -5.83 0.57 -17.32
C CYS E 6 -6.44 -0.34 -16.27
N CYS E 7 -7.75 -0.28 -16.03
CA CYS E 7 -8.36 -1.15 -15.02
C CYS E 7 -9.12 -2.30 -15.70
N THR E 8 -9.14 -2.26 -17.02
CA THR E 8 -9.80 -3.19 -17.92
C THR E 8 -8.78 -4.18 -18.43
N SER E 9 -7.57 -3.68 -18.63
CA SER E 9 -6.45 -4.53 -19.03
C SER E 9 -5.20 -3.97 -18.38
N ILE E 10 -4.07 -4.65 -18.39
CA ILE E 10 -2.87 -4.17 -17.72
C ILE E 10 -2.03 -3.21 -18.55
N CYS E 11 -1.97 -1.93 -18.17
CA CYS E 11 -1.14 -1.00 -18.93
C CYS E 11 0.33 -1.29 -18.66
N SER E 12 1.18 -1.10 -19.66
CA SER E 12 2.61 -1.24 -19.44
C SER E 12 3.18 0.08 -18.98
N LEU E 13 4.47 0.06 -18.68
CA LEU E 13 5.19 1.27 -18.23
C LEU E 13 5.08 2.40 -19.24
N TYR E 14 5.24 2.04 -20.52
CA TYR E 14 5.13 2.98 -21.62
C TYR E 14 3.81 3.72 -21.61
N GLN E 15 2.70 3.03 -21.53
CA GLN E 15 1.35 3.58 -21.46
C GLN E 15 1.08 4.32 -20.18
N LEU E 16 1.78 3.96 -19.10
CA LEU E 16 1.64 4.66 -17.83
C LEU E 16 2.45 5.94 -17.92
N GLU E 17 3.55 5.91 -18.68
CA GLU E 17 4.39 7.08 -18.94
C GLU E 17 3.59 8.22 -19.56
N ASN E 18 2.51 7.89 -20.26
CA ASN E 18 1.65 8.89 -20.86
C ASN E 18 1.09 9.93 -19.90
N TYR E 19 0.87 9.56 -18.64
CA TYR E 19 0.32 10.42 -17.62
C TYR E 19 1.29 11.24 -16.80
N CYS E 20 2.60 11.09 -16.97
CA CYS E 20 3.55 11.92 -16.25
C CYS E 20 3.64 13.29 -16.94
N ASN E 21 3.78 14.31 -16.10
CA ASN E 21 3.95 15.66 -16.60
C ASN E 21 5.23 15.80 -17.43
N PHE F 1 -19.81 -3.12 -6.57
CA PHE F 1 -19.13 -2.64 -7.81
C PHE F 1 -18.06 -1.63 -7.40
N VAL F 2 -17.15 -2.03 -6.54
CA VAL F 2 -16.07 -1.18 -6.03
C VAL F 2 -14.74 -1.46 -6.72
N ASN F 3 -14.70 -2.26 -7.76
CA ASN F 3 -13.56 -2.69 -8.50
C ASN F 3 -12.64 -1.65 -9.11
N GLN F 4 -13.25 -0.70 -9.79
CA GLN F 4 -12.52 0.39 -10.40
C GLN F 4 -11.93 1.35 -9.36
N TYR F 5 -12.65 1.58 -8.28
CA TYR F 5 -12.26 2.39 -7.15
C TYR F 5 -10.98 1.80 -6.55
N LEU F 6 -10.92 0.52 -6.28
CA LEU F 6 -9.77 -0.20 -5.74
C LEU F 6 -8.63 -0.21 -6.76
N CYS F 7 -8.95 -0.32 -8.07
CA CYS F 7 -7.90 -0.29 -9.08
C CYS F 7 -7.25 1.09 -9.17
N GLY F 8 -8.00 2.18 -9.06
CA GLY F 8 -7.44 3.51 -9.12
C GLY F 8 -6.45 3.76 -8.00
N SER F 9 -6.66 3.16 -6.79
CA SER F 9 -5.61 3.40 -5.77
C SER F 9 -4.30 2.72 -6.17
N HIS F 10 -4.32 1.62 -6.94
CA HIS F 10 -3.11 0.99 -7.43
C HIS F 10 -2.55 1.80 -8.63
N LEU F 11 -3.37 2.43 -9.48
CA LEU F 11 -2.87 3.27 -10.54
C LEU F 11 -1.97 4.40 -10.09
N VAL F 12 -2.40 5.15 -9.12
CA VAL F 12 -1.81 6.30 -8.43
C VAL F 12 -0.45 5.91 -7.89
N GLU F 13 -0.27 4.75 -7.27
CA GLU F 13 1.04 4.30 -6.77
C GLU F 13 1.96 3.77 -7.84
N ALA F 14 1.41 3.29 -8.99
CA ALA F 14 2.27 2.87 -10.11
C ALA F 14 2.72 4.14 -10.84
N LEU F 15 1.82 5.13 -10.91
CA LEU F 15 2.08 6.39 -11.59
C LEU F 15 3.22 7.07 -10.81
N TYR F 16 3.19 6.99 -9.46
CA TYR F 16 4.17 7.56 -8.62
C TYR F 16 5.57 7.00 -8.84
N LEU F 17 5.71 5.69 -9.01
CA LEU F 17 7.01 5.09 -9.22
C LEU F 17 7.49 5.35 -10.65
N VAL F 18 6.60 5.42 -11.63
CA VAL F 18 7.03 5.62 -13.01
C VAL F 18 7.50 7.03 -13.35
N CYS F 19 6.73 8.04 -13.00
CA CYS F 19 6.93 9.42 -13.33
C CYS F 19 8.01 10.12 -12.51
N GLY F 20 7.99 9.89 -11.21
CA GLY F 20 8.93 10.40 -10.26
C GLY F 20 8.84 11.85 -9.86
N GLU F 21 9.94 12.55 -10.20
CA GLU F 21 10.11 13.97 -9.88
C GLU F 21 9.27 14.78 -10.87
N ARG F 22 9.11 14.18 -12.05
CA ARG F 22 8.27 14.68 -13.12
C ARG F 22 6.88 15.01 -12.59
N GLY F 23 6.37 14.22 -11.63
CA GLY F 23 5.04 14.41 -11.04
C GLY F 23 4.04 13.74 -12.00
N PHE F 24 2.74 13.80 -11.76
CA PHE F 24 1.84 13.17 -12.72
C PHE F 24 0.48 13.84 -12.57
N PHE F 25 -0.43 13.54 -13.48
CA PHE F 25 -1.72 14.07 -13.10
C PHE F 25 -2.76 12.98 -13.20
N TYR F 26 -3.66 13.08 -12.22
CA TYR F 26 -4.59 11.96 -12.04
C TYR F 26 -5.98 12.59 -12.15
N THR F 27 -6.66 12.23 -13.22
CA THR F 27 -7.97 12.73 -13.58
C THR F 27 -8.85 11.53 -13.95
N PRO F 28 -9.73 11.16 -13.03
CA PRO F 28 -10.62 10.02 -13.08
C PRO F 28 -11.65 10.08 -14.19
N LYS F 29 -12.05 11.27 -14.63
CA LYS F 29 -13.02 11.31 -15.72
C LYS F 29 -13.70 12.64 -15.99
N THR F 30 -12.87 13.65 -16.17
CA THR F 30 -13.27 15.02 -16.49
C THR F 30 -12.22 15.55 -17.49
N GLY G 1 7.10 21.67 -1.22
CA GLY G 1 5.75 22.14 -1.71
C GLY G 1 4.69 21.37 -0.94
N ILE G 2 4.08 20.37 -1.59
CA ILE G 2 3.14 19.51 -0.87
C ILE G 2 4.03 18.69 0.09
N VAL G 3 5.22 18.39 -0.39
CA VAL G 3 6.29 17.71 0.31
C VAL G 3 6.78 18.48 1.55
N GLU G 4 6.99 19.78 1.39
CA GLU G 4 7.48 20.61 2.49
C GLU G 4 6.40 20.77 3.55
N GLN G 5 5.17 20.98 3.11
CA GLN G 5 4.08 21.10 4.06
C GLN G 5 3.76 19.79 4.74
N CYS G 6 3.70 18.65 4.02
CA CYS G 6 3.23 17.44 4.72
C CYS G 6 4.18 16.33 5.08
N CYS G 7 5.44 16.30 4.69
CA CYS G 7 6.40 15.28 5.09
C CYS G 7 7.29 15.75 6.26
N THR G 8 7.05 16.99 6.64
CA THR G 8 7.70 17.71 7.75
C THR G 8 6.74 17.83 8.91
N SER G 9 5.43 17.74 8.67
CA SER G 9 4.44 17.62 9.74
C SER G 9 3.20 16.91 9.20
N ILE G 10 2.38 16.34 10.07
CA ILE G 10 1.20 15.63 9.65
C ILE G 10 0.17 16.60 9.10
N CYS G 11 -0.20 16.42 7.83
CA CYS G 11 -1.26 17.27 7.29
C CYS G 11 -2.62 16.60 7.50
N SER G 12 -3.65 17.32 7.85
CA SER G 12 -4.98 16.80 8.03
C SER G 12 -5.68 16.59 6.68
N LEU G 13 -6.80 15.89 6.70
CA LEU G 13 -7.55 15.70 5.45
C LEU G 13 -7.96 17.05 4.91
N TYR G 14 -8.23 18.05 5.73
CA TYR G 14 -8.58 19.39 5.32
C TYR G 14 -7.41 20.13 4.67
N GLN G 15 -6.16 20.02 5.07
CA GLN G 15 -5.16 20.75 4.26
C GLN G 15 -4.73 19.93 3.07
N LEU G 16 -5.05 18.63 3.07
CA LEU G 16 -4.67 17.84 1.87
C LEU G 16 -5.59 18.22 0.73
N GLU G 17 -6.84 18.54 1.03
CA GLU G 17 -7.88 18.92 0.09
C GLU G 17 -7.63 20.17 -0.71
N ASN G 18 -6.71 21.02 -0.30
CA ASN G 18 -6.29 22.23 -0.95
C ASN G 18 -5.52 21.90 -2.22
N TYR G 19 -4.99 20.67 -2.22
CA TYR G 19 -4.20 20.18 -3.33
C TYR G 19 -5.09 19.43 -4.30
N CYS G 20 -6.37 19.23 -3.96
CA CYS G 20 -7.29 18.58 -4.88
C CYS G 20 -7.45 19.42 -6.14
N ASN G 21 -7.90 18.82 -7.23
CA ASN G 21 -8.08 19.57 -8.47
C ASN G 21 -9.43 20.25 -8.48
N PHE H 1 16.62 12.02 -1.66
CA PHE H 1 16.36 11.38 -0.36
C PHE H 1 15.22 10.37 -0.35
N VAL H 2 15.58 9.15 0.06
CA VAL H 2 14.60 8.08 0.19
C VAL H 2 13.46 8.40 1.15
N ASN H 3 13.72 9.01 2.27
CA ASN H 3 12.74 9.36 3.30
C ASN H 3 11.60 10.20 2.76
N GLN H 4 11.90 11.29 2.09
CA GLN H 4 10.90 12.17 1.50
C GLN H 4 10.18 11.44 0.35
N TYR H 5 10.87 10.59 -0.40
CA TYR H 5 10.27 9.82 -1.52
C TYR H 5 9.18 8.88 -1.06
N LEU H 6 9.49 8.21 0.09
CA LEU H 6 8.55 7.27 0.71
C LEU H 6 7.37 8.02 1.31
N CYS H 7 7.60 9.19 1.88
CA CYS H 7 6.50 10.05 2.35
C CYS H 7 5.57 10.44 1.17
N GLY H 8 6.12 10.86 0.02
CA GLY H 8 5.37 11.19 -1.18
C GLY H 8 4.45 10.06 -1.62
N SER H 9 4.93 8.81 -1.55
CA SER H 9 4.15 7.61 -1.90
C SER H 9 2.89 7.49 -1.04
N HIS H 10 2.95 7.84 0.24
CA HIS H 10 1.84 7.88 1.16
C HIS H 10 1.03 9.14 0.89
N LEU H 11 1.65 10.26 0.50
CA LEU H 11 0.87 11.47 0.20
C LEU H 11 -0.08 11.21 -0.97
N VAL H 12 0.31 10.57 -2.06
CA VAL H 12 -0.57 10.38 -3.23
C VAL H 12 -1.73 9.45 -2.93
N GLU H 13 -1.55 8.50 -2.01
CA GLU H 13 -2.68 7.66 -1.66
C GLU H 13 -3.64 8.45 -0.80
N ALA H 14 -3.18 9.38 0.04
CA ALA H 14 -4.12 10.19 0.82
C ALA H 14 -4.83 11.13 -0.15
N LEU H 15 -4.17 11.68 -1.16
CA LEU H 15 -4.88 12.56 -2.12
C LEU H 15 -5.98 11.84 -2.88
N TYR H 16 -5.70 10.57 -3.23
CA TYR H 16 -6.67 9.75 -3.94
C TYR H 16 -7.98 9.67 -3.14
N LEU H 17 -7.90 9.36 -1.86
CA LEU H 17 -9.09 9.25 -1.02
C LEU H 17 -9.89 10.55 -0.81
N VAL H 18 -9.18 11.65 -0.59
CA VAL H 18 -9.76 12.94 -0.28
C VAL H 18 -10.34 13.65 -1.47
N CYS H 19 -9.68 13.69 -2.61
CA CYS H 19 -10.09 14.40 -3.79
C CYS H 19 -11.16 13.77 -4.66
N GLY H 20 -11.34 12.46 -4.54
CA GLY H 20 -12.28 11.66 -5.28
C GLY H 20 -12.30 11.83 -6.78
N GLU H 21 -13.47 12.27 -7.25
CA GLU H 21 -13.80 12.47 -8.66
C GLU H 21 -13.13 13.69 -9.25
N ARG H 22 -12.63 14.60 -8.41
CA ARG H 22 -11.95 15.79 -8.91
C ARG H 22 -10.57 15.42 -9.39
N GLY H 23 -9.97 14.42 -8.71
CA GLY H 23 -8.61 14.05 -9.10
C GLY H 23 -7.65 15.12 -8.57
N PHE H 24 -6.40 15.02 -9.02
CA PHE H 24 -5.33 15.91 -8.58
C PHE H 24 -4.16 15.88 -9.55
N PHE H 25 -3.30 16.90 -9.43
CA PHE H 25 -2.05 16.90 -10.18
C PHE H 25 -1.03 16.64 -9.05
N TYR H 26 -0.06 15.77 -9.26
CA TYR H 26 0.89 15.63 -8.16
C TYR H 26 2.20 16.34 -8.56
N THR H 27 2.58 17.32 -7.76
CA THR H 27 3.77 18.12 -7.94
C THR H 27 4.72 18.11 -6.74
N PRO H 28 5.84 17.41 -6.89
CA PRO H 28 6.83 17.17 -5.88
C PRO H 28 7.78 18.28 -5.44
N LYS H 29 8.09 19.20 -6.35
CA LYS H 29 9.00 20.29 -5.99
C LYS H 29 8.40 21.64 -6.39
N THR H 30 6.94 21.89 -5.81
CA THR H 30 6.20 23.08 -6.24
C THR H 30 6.48 23.43 -7.70
N GLY I 1 1.05 -22.88 -8.57
CA GLY I 1 1.74 -21.55 -8.40
C GLY I 1 1.03 -20.69 -7.33
N ILE I 2 1.69 -19.65 -6.82
CA ILE I 2 1.08 -18.83 -5.78
C ILE I 2 -0.20 -18.15 -6.26
N VAL I 3 -0.25 -17.56 -7.44
CA VAL I 3 -1.45 -16.92 -7.96
C VAL I 3 -2.67 -17.85 -8.01
N GLU I 4 -2.44 -19.07 -8.47
CA GLU I 4 -3.46 -20.10 -8.56
C GLU I 4 -3.94 -20.56 -7.17
N GLN I 5 -3.06 -20.69 -6.20
CA GLN I 5 -3.47 -21.09 -4.88
C GLN I 5 -4.00 -19.97 -4.00
N CYS I 6 -3.76 -18.69 -4.24
CA CYS I 6 -4.19 -17.69 -3.24
C CYS I 6 -5.06 -16.55 -3.70
N CYS I 7 -5.41 -16.58 -4.98
CA CYS I 7 -6.20 -15.45 -5.52
C CYS I 7 -7.67 -15.73 -5.73
N THR I 8 -8.25 -16.82 -5.22
CA THR I 8 -9.66 -17.19 -5.29
C THR I 8 -10.11 -17.56 -3.87
N SER I 9 -9.22 -18.27 -3.23
CA SER I 9 -9.41 -18.65 -1.81
C SER I 9 -8.26 -18.03 -1.05
N ILE I 10 -8.49 -17.45 0.11
CA ILE I 10 -7.48 -16.80 0.91
C ILE I 10 -6.42 -17.76 1.47
N CYS I 11 -5.15 -17.48 1.29
CA CYS I 11 -4.12 -18.32 1.86
C CYS I 11 -3.77 -17.83 3.27
N SER I 12 -3.64 -18.79 4.16
CA SER I 12 -3.26 -18.48 5.55
C SER I 12 -1.76 -18.16 5.55
N LEU I 13 -1.28 -17.61 6.63
CA LEU I 13 0.11 -17.25 6.87
C LEU I 13 1.06 -18.41 6.66
N TYR I 14 0.67 -19.61 7.07
CA TYR I 14 1.46 -20.84 6.93
C TYR I 14 1.55 -21.33 5.49
N GLN I 15 0.50 -21.16 4.69
CA GLN I 15 0.58 -21.47 3.27
C GLN I 15 1.46 -20.43 2.58
N LEU I 16 1.42 -19.16 2.94
CA LEU I 16 2.27 -18.14 2.32
C LEU I 16 3.74 -18.42 2.52
N GLU I 17 4.06 -18.94 3.69
CA GLU I 17 5.43 -19.24 4.12
C GLU I 17 6.10 -20.34 3.28
N ASN I 18 5.35 -21.11 2.49
CA ASN I 18 5.96 -22.05 1.57
C ASN I 18 6.69 -21.32 0.41
N TYR I 19 6.45 -20.01 0.25
CA TYR I 19 7.09 -19.31 -0.86
C TYR I 19 8.28 -18.51 -0.34
N CYS I 20 8.66 -18.72 0.91
CA CYS I 20 9.83 -18.06 1.49
C CYS I 20 11.11 -18.70 0.97
N ASN I 21 12.24 -18.04 0.91
CA ASN I 21 13.50 -18.63 0.50
C ASN I 21 14.09 -19.44 1.68
N PHE J 1 -11.00 -7.23 -16.57
CA PHE J 1 -10.60 -6.60 -15.28
C PHE J 1 -9.24 -7.18 -14.89
N VAL J 2 -8.44 -6.44 -14.12
CA VAL J 2 -7.10 -6.87 -13.74
C VAL J 2 -6.98 -7.54 -12.37
N ASN J 3 -8.01 -8.22 -11.93
CA ASN J 3 -8.13 -8.90 -10.64
C ASN J 3 -6.93 -9.69 -10.21
N GLN J 4 -6.31 -10.52 -11.03
CA GLN J 4 -5.17 -11.35 -10.66
C GLN J 4 -3.89 -10.57 -10.44
N TYR J 5 -3.76 -9.53 -11.26
CA TYR J 5 -2.66 -8.60 -11.21
C TYR J 5 -2.68 -7.81 -9.90
N LEU J 6 -3.82 -7.31 -9.46
CA LEU J 6 -4.01 -6.62 -8.20
C LEU J 6 -3.83 -7.57 -7.00
N CYS J 7 -4.27 -8.81 -7.13
CA CYS J 7 -4.08 -9.79 -6.07
C CYS J 7 -2.57 -10.03 -5.82
N GLY J 8 -1.79 -10.13 -6.89
CA GLY J 8 -0.36 -10.31 -6.91
C GLY J 8 0.42 -9.25 -6.17
N SER J 9 0.07 -7.95 -6.32
CA SER J 9 0.77 -6.93 -5.57
C SER J 9 0.41 -7.05 -4.07
N HIS J 10 -0.74 -7.58 -3.70
CA HIS J 10 -1.08 -7.83 -2.32
C HIS J 10 -0.30 -9.03 -1.80
N LEU J 11 -0.12 -10.09 -2.58
CA LEU J 11 0.64 -11.27 -2.21
C LEU J 11 2.11 -10.97 -1.88
N VAL J 12 2.73 -10.11 -2.62
CA VAL J 12 4.10 -9.61 -2.46
C VAL J 12 4.26 -8.81 -1.18
N GLU J 13 3.27 -8.02 -0.73
CA GLU J 13 3.44 -7.37 0.55
C GLU J 13 3.25 -8.39 1.70
N ALA J 14 2.32 -9.32 1.54
CA ALA J 14 2.10 -10.33 2.56
C ALA J 14 3.36 -11.20 2.68
N LEU J 15 3.98 -11.60 1.56
CA LEU J 15 5.21 -12.41 1.66
C LEU J 15 6.38 -11.66 2.32
N TYR J 16 6.47 -10.34 2.01
CA TYR J 16 7.54 -9.56 2.63
C TYR J 16 7.41 -9.62 4.16
N LEU J 17 6.18 -9.51 4.67
CA LEU J 17 5.94 -9.54 6.09
C LEU J 17 6.22 -10.92 6.70
N VAL J 18 5.62 -11.93 6.07
CA VAL J 18 5.78 -13.29 6.55
C VAL J 18 7.20 -13.81 6.56
N CYS J 19 7.89 -13.65 5.43
CA CYS J 19 9.19 -14.25 5.25
C CYS J 19 10.34 -13.53 5.95
N GLY J 20 10.29 -12.22 6.20
CA GLY J 20 11.35 -11.49 6.84
C GLY J 20 12.73 -11.58 6.25
N GLU J 21 13.72 -11.86 7.09
CA GLU J 21 15.13 -11.98 6.74
C GLU J 21 15.41 -12.95 5.60
N ARG J 22 14.74 -14.11 5.57
CA ARG J 22 14.93 -15.04 4.47
C ARG J 22 14.60 -14.49 3.08
N GLY J 23 13.66 -13.57 2.86
CA GLY J 23 13.38 -13.25 1.44
C GLY J 23 12.43 -14.31 0.87
N PHE J 24 11.99 -14.06 -0.37
CA PHE J 24 11.04 -14.96 -1.03
C PHE J 24 11.31 -14.93 -2.52
N PHE J 25 10.60 -15.77 -3.26
CA PHE J 25 10.70 -15.73 -4.71
C PHE J 25 9.25 -15.53 -5.20
N TYR J 26 9.06 -14.71 -6.21
CA TYR J 26 7.76 -14.47 -6.78
C TYR J 26 7.94 -14.73 -8.27
N THR J 27 7.22 -15.66 -8.82
CA THR J 27 7.24 -16.03 -10.23
C THR J 27 5.80 -16.20 -10.68
N PRO J 28 5.18 -15.34 -11.46
CA PRO J 28 3.81 -15.57 -11.88
C PRO J 28 3.68 -16.59 -13.01
N LYS J 29 4.36 -17.29 -13.59
CA LYS J 29 4.13 -17.99 -14.84
C LYS J 29 2.85 -18.84 -14.78
N THR J 30 2.25 -18.91 -15.98
CA THR J 30 1.24 -19.93 -16.24
C THR J 30 0.01 -19.78 -15.34
N GLY K 1 23.72 -5.74 -1.91
CA GLY K 1 22.29 -5.97 -1.59
C GLY K 1 21.51 -4.77 -2.14
N ILE K 2 20.28 -5.04 -2.55
CA ILE K 2 19.38 -4.02 -3.09
C ILE K 2 19.08 -3.02 -1.99
N VAL K 3 19.01 -3.50 -0.74
CA VAL K 3 18.77 -2.62 0.40
C VAL K 3 19.87 -1.58 0.60
N GLU K 4 21.12 -1.98 0.47
CA GLU K 4 22.29 -1.12 0.65
C GLU K 4 22.33 -0.07 -0.46
N GLN K 5 22.05 -0.53 -1.66
CA GLN K 5 22.03 0.30 -2.84
C GLN K 5 20.82 1.21 -2.98
N CYS K 6 19.61 0.82 -2.58
CA CYS K 6 18.42 1.62 -2.81
C CYS K 6 17.68 2.17 -1.61
N CYS K 7 18.05 1.92 -0.36
CA CYS K 7 17.34 2.50 0.79
C CYS K 7 18.05 3.73 1.30
N THR K 8 19.16 4.01 0.67
CA THR K 8 20.10 5.10 0.83
C THR K 8 19.79 6.25 -0.11
N SER K 9 19.86 5.90 -1.40
CA SER K 9 19.59 6.90 -2.44
C SER K 9 18.55 6.29 -3.37
N ILE K 10 17.71 7.03 -4.01
CA ILE K 10 16.64 6.56 -4.87
C ILE K 10 17.07 5.76 -6.07
N CYS K 11 16.67 4.48 -6.14
CA CYS K 11 17.03 3.71 -7.32
C CYS K 11 15.96 3.92 -8.40
N SER K 12 16.39 4.25 -9.61
CA SER K 12 15.47 4.28 -10.74
C SER K 12 15.06 2.85 -11.09
N LEU K 13 14.01 2.73 -11.86
CA LEU K 13 13.41 1.51 -12.36
C LEU K 13 14.36 0.67 -13.20
N TYR K 14 15.19 1.35 -13.96
CA TYR K 14 16.07 0.59 -14.79
C TYR K 14 17.19 0.02 -13.95
N GLN K 15 17.66 0.64 -12.87
CA GLN K 15 18.53 0.04 -11.87
C GLN K 15 17.84 -1.11 -11.12
N LEU K 16 16.54 -0.95 -10.82
CA LEU K 16 15.80 -2.01 -10.12
C LEU K 16 15.53 -3.23 -11.01
N GLU K 17 15.61 -3.02 -12.32
CA GLU K 17 15.41 -4.05 -13.32
C GLU K 17 16.51 -5.08 -13.35
N ASN K 18 17.69 -4.76 -12.85
CA ASN K 18 18.82 -5.69 -12.77
C ASN K 18 18.57 -6.75 -11.70
N TYR K 19 17.49 -6.67 -10.92
CA TYR K 19 17.20 -7.61 -9.87
C TYR K 19 16.08 -8.56 -10.28
N CYS K 20 15.52 -8.36 -11.46
CA CYS K 20 14.46 -9.26 -11.90
C CYS K 20 15.09 -10.59 -12.32
N ASN K 21 14.26 -11.59 -12.61
CA ASN K 21 14.69 -12.86 -13.19
C ASN K 21 14.76 -12.60 -14.72
N PHE L 1 17.16 -0.04 11.44
CA PHE L 1 16.21 -1.10 11.78
C PHE L 1 14.85 -0.85 11.13
N VAL L 2 14.07 0.16 11.58
CA VAL L 2 12.69 0.17 11.08
C VAL L 2 12.62 0.95 9.76
N ASN L 3 13.48 1.95 9.58
CA ASN L 3 13.38 2.69 8.31
C ASN L 3 13.93 1.90 7.12
N GLN L 4 14.87 1.01 7.26
CA GLN L 4 15.32 0.12 6.19
C GLN L 4 14.27 -0.99 5.95
N TYR L 5 13.54 -1.37 6.98
CA TYR L 5 12.47 -2.31 6.92
C TYR L 5 11.25 -1.71 6.18
N LEU L 6 10.99 -0.41 6.42
CA LEU L 6 9.88 0.26 5.76
C LEU L 6 10.24 0.49 4.27
N CYS L 7 11.51 0.82 4.04
CA CYS L 7 11.98 1.00 2.67
C CYS L 7 11.91 -0.31 1.87
N GLY L 8 12.21 -1.47 2.43
CA GLY L 8 12.12 -2.75 1.74
C GLY L 8 10.68 -3.06 1.30
N SER L 9 9.72 -2.62 2.12
CA SER L 9 8.30 -2.81 1.82
C SER L 9 7.90 -2.18 0.50
N HIS L 10 8.43 -0.99 0.23
CA HIS L 10 8.16 -0.25 -0.99
C HIS L 10 8.98 -0.77 -2.16
N LEU L 11 10.17 -1.30 -1.89
CA LEU L 11 11.08 -1.89 -2.85
C LEU L 11 10.47 -3.09 -3.54
N VAL L 12 9.86 -3.98 -2.78
CA VAL L 12 9.17 -5.18 -3.26
C VAL L 12 8.00 -4.83 -4.18
N GLU L 13 7.26 -3.75 -3.95
CA GLU L 13 6.19 -3.26 -4.78
C GLU L 13 6.74 -2.68 -6.09
N ALA L 14 7.87 -1.98 -6.08
CA ALA L 14 8.53 -1.47 -7.27
C ALA L 14 9.07 -2.63 -8.11
N LEU L 15 9.63 -3.67 -7.45
CA LEU L 15 10.10 -4.83 -8.21
C LEU L 15 8.94 -5.53 -8.92
N TYR L 16 7.79 -5.61 -8.21
CA TYR L 16 6.62 -6.24 -8.80
C TYR L 16 6.19 -5.49 -10.07
N LEU L 17 6.18 -4.14 -10.03
CA LEU L 17 5.85 -3.35 -11.19
C LEU L 17 6.90 -3.49 -12.31
N VAL L 18 8.19 -3.43 -12.02
CA VAL L 18 9.21 -3.49 -13.07
C VAL L 18 9.41 -4.86 -13.69
N CYS L 19 9.47 -5.94 -12.94
CA CYS L 19 9.73 -7.28 -13.41
C CYS L 19 8.57 -8.02 -14.06
N GLY L 20 7.35 -7.53 -13.89
CA GLY L 20 6.14 -8.06 -14.49
C GLY L 20 6.21 -9.57 -14.56
N GLU L 21 5.92 -10.12 -15.73
CA GLU L 21 5.92 -11.53 -16.05
C GLU L 21 7.16 -12.30 -15.62
N ARG L 22 8.35 -11.74 -15.63
CA ARG L 22 9.55 -12.41 -15.18
C ARG L 22 9.60 -12.88 -13.72
N GLY L 23 9.06 -12.03 -12.82
CA GLY L 23 9.16 -12.43 -11.41
C GLY L 23 10.51 -11.93 -10.89
N PHE L 24 10.80 -12.35 -9.65
CA PHE L 24 12.04 -11.90 -9.02
C PHE L 24 12.27 -12.72 -7.77
N PHE L 25 13.48 -12.66 -7.27
CA PHE L 25 13.90 -13.29 -6.04
C PHE L 25 14.18 -12.08 -5.14
N TYR L 26 13.74 -12.05 -3.90
CA TYR L 26 14.02 -10.94 -3.04
C TYR L 26 14.84 -11.46 -1.88
N THR L 27 16.10 -11.11 -1.70
CA THR L 27 16.88 -11.57 -0.56
C THR L 27 17.58 -10.37 0.07
N PRO L 28 17.22 -10.01 1.30
CA PRO L 28 17.84 -8.91 2.00
C PRO L 28 19.32 -9.14 2.26
N LYS L 29 19.76 -10.17 2.95
CA LYS L 29 21.16 -10.48 3.22
C LYS L 29 21.85 -11.42 2.23
N THR L 30 21.92 -11.03 0.98
CA THR L 30 22.52 -11.74 -0.15
C THR L 30 22.34 -10.85 -1.40
C1 IPH M . -14.49 2.18 0.37
C2 IPH M . -13.72 1.02 0.10
C3 IPH M . -12.35 1.10 0.28
C4 IPH M . -11.71 2.29 0.70
C5 IPH M . -12.50 3.42 0.94
C6 IPH M . -13.90 3.36 0.78
O1 IPH M . -15.87 2.08 0.20
C1 IPH N . 6.59 -3.31 12.38
C2 IPH N . 6.14 -2.20 11.69
C3 IPH N . 5.37 -2.32 10.51
C4 IPH N . 5.10 -3.60 10.05
C5 IPH N . 5.56 -4.69 10.74
C6 IPH N . 6.31 -4.59 11.90
O1 IPH N . 7.33 -3.19 13.55
C1 IPH O . -2.57 -1.20 -14.02
C2 IPH O . -3.32 -1.19 -12.85
C3 IPH O . -2.65 -0.96 -11.64
C4 IPH O . -1.28 -0.71 -11.55
C5 IPH O . -0.54 -0.74 -12.75
C6 IPH O . -1.19 -0.97 -13.97
O1 IPH O . -3.21 -1.43 -15.22
C1 IPH P . 0.87 13.07 5.51
C2 IPH P . 1.83 12.28 4.84
C3 IPH P . 1.35 11.12 4.22
C4 IPH P . 0.01 10.76 4.24
C5 IPH P . -0.94 11.57 4.86
C6 IPH P . -0.48 12.73 5.53
O1 IPH P . 1.24 14.23 6.17
C1 IPH Q . -4.07 -13.81 -0.18
C2 IPH Q . -4.01 -12.78 -1.13
C3 IPH Q . -3.30 -11.62 -0.82
C4 IPH Q . -2.66 -11.52 0.41
C5 IPH Q . -2.70 -12.55 1.35
C6 IPH Q . -3.41 -13.70 1.04
O1 IPH Q . -4.76 -14.97 -0.44
ZN ZN R . -5.72 -3.61 -3.72
CL CL S . -7.35 -4.59 -4.81
C1 IPH T . 13.72 2.98 -4.03
C2 IPH T . 12.98 2.56 -2.92
C3 IPH T . 11.67 2.08 -3.14
C4 IPH T . 11.15 2.04 -4.41
C5 IPH T . 11.90 2.47 -5.50
C6 IPH T . 13.18 2.94 -5.30
O1 IPH T . 15.01 3.46 -3.91
ZN ZN U . 5.70 3.41 3.66
CL CL V . 7.31 4.45 4.74
#